data_6LDZ
#
_entry.id   6LDZ
#
_cell.length_a   120.626
_cell.length_b   120.626
_cell.length_c   120.626
_cell.angle_alpha   90.000
_cell.angle_beta   90.000
_cell.angle_gamma   90.000
#
_symmetry.space_group_name_H-M   'I 2 3'
#
loop_
_entity.id
_entity.type
_entity.pdbx_description
1 polymer 'Probable enoyl-CoA hydratase EchA1 (Enoyl hydrase) (Unsaturated acyl-CoA hydratase) (Crotonase)'
2 water water
#
_entity_poly.entity_id   1
_entity_poly.type   'polypeptide(L)'
_entity_poly.pdbx_seq_one_letter_code
;GSMSSESDAANTEPEVLVEQRDRILIITINRPKAKNAVNAAVSRGLADAMDQLDGDAGLSVAILTGGGGSFCAGMDLKAF
ARGENVVVEGRGLGFTERPPTKPLIAAVEGYALAGGTELALAADLIVAARDSAFGIPEVKRGLVAGGGGLLRLPERIPYA
IAMELALTGDNLPAERAHELGLVNVLAEPGTALDAAIALAEKITANGPLAVVATKRIITESRGWSPDTMFAEQMKILVPV
FTSNDAKEGAIAFAERRRPRWTGT
;
_entity_poly.pdbx_strand_id   A
#
# COMPACT_ATOMS: atom_id res chain seq x y z
N PRO A 14 8.17 8.72 18.88
CA PRO A 14 8.34 8.60 17.43
C PRO A 14 7.01 8.63 16.68
N GLU A 15 6.91 9.47 15.62
CA GLU A 15 5.65 9.64 14.92
C GLU A 15 5.35 8.51 13.94
N VAL A 16 6.34 7.68 13.64
CA VAL A 16 6.15 6.46 12.87
C VAL A 16 6.86 5.34 13.61
N LEU A 17 6.14 4.26 13.91
CA LEU A 17 6.69 3.09 14.57
C LEU A 17 6.92 1.99 13.55
N VAL A 18 8.03 1.28 13.71
CA VAL A 18 8.45 0.23 12.79
C VAL A 18 8.79 -1.00 13.61
N GLU A 19 8.21 -2.14 13.23
CA GLU A 19 8.39 -3.42 13.91
C GLU A 19 8.65 -4.49 12.87
N GLN A 20 9.65 -5.31 13.13
CA GLN A 20 9.96 -6.45 12.28
C GLN A 20 9.38 -7.71 12.93
N ARG A 21 8.54 -8.43 12.18
CA ARG A 21 7.97 -9.69 12.64
C ARG A 21 8.15 -10.72 11.53
N ASP A 22 9.12 -11.61 11.70
CA ASP A 22 9.50 -12.59 10.68
C ASP A 22 9.92 -11.79 9.45
N ARG A 23 9.34 -12.01 8.27
CA ARG A 23 9.70 -11.29 7.06
C ARG A 23 8.76 -10.12 6.79
N ILE A 24 8.00 -9.68 7.78
CA ILE A 24 6.94 -8.68 7.62
C ILE A 24 7.30 -7.44 8.41
N LEU A 25 7.22 -6.28 7.76
CA LEU A 25 7.50 -4.98 8.37
C LEU A 25 6.18 -4.29 8.67
N ILE A 26 5.94 -3.99 9.94
CA ILE A 26 4.71 -3.34 10.38
C ILE A 26 5.03 -1.86 10.65
N ILE A 27 4.39 -0.98 9.89
CA ILE A 27 4.61 0.45 9.94
C ILE A 27 3.36 1.10 10.50
N THR A 28 3.50 1.73 11.67
CA THR A 28 2.37 2.33 12.38
C THR A 28 2.56 3.83 12.51
N ILE A 29 1.63 4.61 11.95
CA ILE A 29 1.63 6.05 12.20
C ILE A 29 1.20 6.29 13.64
N ASN A 30 2.11 6.85 14.43
CA ASN A 30 1.91 7.05 15.86
C ASN A 30 1.69 8.54 16.17
N ARG A 31 0.53 9.05 15.70
CA ARG A 31 0.06 10.41 15.97
C ARG A 31 -1.43 10.40 16.24
N PRO A 32 -1.92 9.57 17.18
CA PRO A 32 -3.38 9.35 17.25
C PRO A 32 -4.16 10.56 17.73
N LYS A 33 -3.59 11.41 18.60
CA LYS A 33 -4.34 12.59 19.02
C LYS A 33 -4.58 13.55 17.85
N ALA A 34 -3.74 13.52 16.81
CA ALA A 34 -3.98 14.27 15.59
C ALA A 34 -4.58 13.40 14.48
N LYS A 35 -5.23 12.29 14.86
CA LYS A 35 -5.87 11.38 13.91
C LYS A 35 -4.89 10.89 12.84
N ASN A 36 -3.62 10.74 13.24
CA ASN A 36 -2.55 10.21 12.38
C ASN A 36 -2.35 11.00 11.10
N ALA A 37 -2.62 12.31 11.15
CA ALA A 37 -2.38 13.15 9.98
C ALA A 37 -0.88 13.22 9.70
N VAL A 38 -0.55 13.42 8.44
CA VAL A 38 0.83 13.38 7.96
C VAL A 38 1.43 14.78 8.09
N ASN A 39 2.42 14.92 8.98
CA ASN A 39 3.27 16.10 8.99
C ASN A 39 4.61 15.76 8.32
N ALA A 40 5.57 16.68 8.44
CA ALA A 40 6.90 16.41 7.90
C ALA A 40 7.51 15.19 8.55
N ALA A 41 7.36 15.08 9.88
CA ALA A 41 7.91 13.93 10.59
C ALA A 41 7.37 12.61 10.03
N VAL A 42 6.03 12.50 9.92
CA VAL A 42 5.42 11.26 9.46
C VAL A 42 5.83 10.95 8.02
N SER A 43 5.84 11.97 7.18
CA SER A 43 6.24 11.79 5.78
C SER A 43 7.65 11.25 5.66
N ARG A 44 8.60 11.79 6.43
CA ARG A 44 9.96 11.26 6.39
C ARG A 44 10.01 9.86 6.98
N GLY A 45 9.25 9.60 8.06
CA GLY A 45 9.24 8.27 8.65
C GLY A 45 8.76 7.21 7.66
N LEU A 46 7.71 7.54 6.90
CA LEU A 46 7.19 6.56 5.94
C LEU A 46 8.22 6.27 4.85
N ALA A 47 8.84 7.32 4.30
CA ALA A 47 9.87 7.13 3.29
C ALA A 47 11.00 6.26 3.82
N ASP A 48 11.49 6.55 5.04
CA ASP A 48 12.52 5.71 5.63
C ASP A 48 12.05 4.27 5.76
N ALA A 49 10.78 4.07 6.13
CA ALA A 49 10.28 2.72 6.38
C ALA A 49 10.28 1.91 5.08
N MET A 50 9.91 2.56 3.98
CA MET A 50 9.95 1.90 2.66
C MET A 50 11.36 1.62 2.22
N ASP A 51 12.30 2.54 2.48
CA ASP A 51 13.69 2.27 2.19
C ASP A 51 14.19 1.08 2.99
N GLN A 52 13.67 0.91 4.21
CA GLN A 52 14.07 -0.23 5.02
C GLN A 52 13.49 -1.53 4.43
N LEU A 53 12.20 -1.51 4.09
CA LEU A 53 11.55 -2.67 3.48
C LEU A 53 12.28 -3.13 2.23
N ASP A 54 12.49 -2.22 1.27
CA ASP A 54 13.12 -2.58 0.00
C ASP A 54 14.59 -2.91 0.14
N GLY A 55 15.26 -2.36 1.14
CA GLY A 55 16.70 -2.50 1.22
C GLY A 55 17.14 -3.70 2.03
N ASP A 56 16.27 -4.18 2.92
CA ASP A 56 16.58 -5.32 3.78
C ASP A 56 16.20 -6.62 3.08
N ALA A 57 17.19 -7.45 2.79
CA ALA A 57 16.91 -8.75 2.20
C ALA A 57 16.16 -9.67 3.17
N GLY A 58 16.14 -9.34 4.46
CA GLY A 58 15.35 -10.14 5.39
C GLY A 58 13.87 -9.82 5.46
N LEU A 59 13.34 -8.98 4.56
CA LEU A 59 11.94 -8.57 4.58
C LEU A 59 11.32 -8.78 3.21
N SER A 60 10.06 -9.24 3.21
CA SER A 60 9.26 -9.53 2.01
C SER A 60 8.10 -8.59 1.79
N VAL A 61 7.36 -8.24 2.85
CA VAL A 61 6.11 -7.49 2.75
C VAL A 61 6.08 -6.46 3.87
N ALA A 62 5.41 -5.33 3.62
CA ALA A 62 5.12 -4.38 4.69
C ALA A 62 3.62 -4.15 4.82
N ILE A 63 3.21 -3.81 6.04
CA ILE A 63 1.86 -3.37 6.35
C ILE A 63 1.95 -1.94 6.87
N LEU A 64 1.10 -1.06 6.34
CA LEU A 64 0.92 0.29 6.87
C LEU A 64 -0.43 0.39 7.56
N THR A 65 -0.41 0.91 8.79
CA THR A 65 -1.61 1.11 9.56
C THR A 65 -1.45 2.36 10.41
N GLY A 66 -2.57 2.83 10.96
CA GLY A 66 -2.57 3.94 11.90
C GLY A 66 -3.00 3.47 13.28
N GLY A 67 -2.32 3.94 14.31
CA GLY A 67 -2.63 3.50 15.66
C GLY A 67 -3.89 4.15 16.22
N GLY A 68 -4.46 3.50 17.22
CA GLY A 68 -5.59 4.04 17.96
C GLY A 68 -6.95 3.93 17.31
N GLY A 69 -7.09 3.19 16.21
CA GLY A 69 -8.38 3.04 15.58
C GLY A 69 -8.67 3.94 14.40
N SER A 70 -7.70 4.74 13.96
CA SER A 70 -7.88 5.61 12.80
C SER A 70 -6.67 5.47 11.88
N PHE A 71 -6.93 5.32 10.58
CA PHE A 71 -5.83 5.13 9.64
C PHE A 71 -5.02 6.41 9.43
N CYS A 72 -5.65 7.45 8.89
CA CYS A 72 -4.95 8.69 8.52
C CYS A 72 -5.94 9.73 8.02
N ALA A 73 -6.02 10.88 8.70
CA ALA A 73 -6.94 11.95 8.33
C ALA A 73 -6.48 12.78 7.12
N GLY A 74 -5.32 12.49 6.58
CA GLY A 74 -4.78 13.26 5.48
C GLY A 74 -3.57 14.06 5.92
N MET A 75 -3.18 15.01 5.09
CA MET A 75 -2.07 15.86 5.50
C MET A 75 -2.49 16.70 6.70
N ASP A 76 -1.59 16.83 7.67
CA ASP A 76 -1.87 17.66 8.82
C ASP A 76 -2.16 19.08 8.37
N LEU A 77 -3.36 19.59 8.71
CA LEU A 77 -3.68 20.95 8.30
C LEU A 77 -2.84 21.97 9.05
N LYS A 78 -2.61 21.76 10.35
CA LYS A 78 -1.77 22.69 11.10
C LYS A 78 -0.38 22.75 10.49
N ALA A 79 0.17 21.60 10.09
CA ALA A 79 1.51 21.58 9.51
C ALA A 79 1.53 22.19 8.11
N PHE A 80 0.47 21.99 7.34
CA PHE A 80 0.35 22.68 6.06
C PHE A 80 0.28 24.20 6.26
N ALA A 81 -0.44 24.64 7.30
CA ALA A 81 -0.59 26.07 7.60
C ALA A 81 0.75 26.76 7.84
N ARG A 82 1.59 26.18 8.72
CA ARG A 82 2.88 26.80 9.07
C ARG A 82 3.95 26.60 8.01
N GLY A 83 3.66 25.87 6.93
CA GLY A 83 4.59 25.70 5.86
C GLY A 83 5.61 24.58 5.99
N GLU A 84 5.31 23.55 6.78
CA GLU A 84 6.22 22.41 6.85
C GLU A 84 6.35 21.77 5.46
N ASN A 85 7.52 21.17 5.21
CA ASN A 85 7.75 20.40 3.99
C ASN A 85 7.24 18.98 4.20
N VAL A 86 5.91 18.81 4.10
CA VAL A 86 5.33 17.49 4.22
C VAL A 86 5.62 16.66 2.98
N VAL A 87 5.56 17.28 1.80
CA VAL A 87 5.84 16.59 0.55
C VAL A 87 7.35 16.60 0.36
N VAL A 88 7.95 15.42 0.28
CA VAL A 88 9.38 15.31 0.03
C VAL A 88 9.59 15.02 -1.45
N GLU A 89 10.40 15.85 -2.11
CA GLU A 89 10.55 15.78 -3.56
C GLU A 89 11.06 14.40 -3.99
N GLY A 90 10.38 13.80 -4.95
CA GLY A 90 10.69 12.45 -5.36
C GLY A 90 9.96 11.37 -4.61
N ARG A 91 9.22 11.70 -3.55
CA ARG A 91 8.40 10.72 -2.84
C ARG A 91 6.97 11.15 -2.61
N GLY A 92 6.69 12.44 -2.60
CA GLY A 92 5.33 12.89 -2.34
C GLY A 92 5.00 12.77 -0.87
N LEU A 93 3.75 12.43 -0.59
CA LEU A 93 3.29 12.23 0.77
C LEU A 93 3.81 10.87 1.24
N GLY A 94 5.03 10.88 1.79
CA GLY A 94 5.66 9.66 2.24
C GLY A 94 6.18 8.81 1.10
N PHE A 95 5.30 8.32 0.25
CA PHE A 95 5.64 7.45 -0.83
C PHE A 95 4.60 7.48 -1.96
N THR A 96 3.69 8.42 -1.95
CA THR A 96 2.63 8.47 -2.96
C THR A 96 3.20 8.59 -4.37
N GLU A 97 4.33 9.27 -4.53
CA GLU A 97 4.95 9.47 -5.84
C GLU A 97 6.10 8.51 -6.09
N ARG A 98 6.30 7.54 -5.20
CA ARG A 98 7.34 6.52 -5.34
C ARG A 98 7.00 5.31 -4.47
N PRO A 99 6.03 4.50 -4.84
CA PRO A 99 5.68 3.33 -4.02
C PRO A 99 6.83 2.34 -3.96
N PRO A 100 6.87 1.50 -2.93
CA PRO A 100 7.98 0.55 -2.80
C PRO A 100 7.90 -0.53 -3.87
N THR A 101 9.01 -1.23 -4.06
CA THR A 101 9.00 -2.31 -5.03
C THR A 101 8.44 -3.60 -4.43
N LYS A 102 8.70 -3.87 -3.16
CA LYS A 102 8.07 -4.99 -2.46
C LYS A 102 6.59 -4.70 -2.16
N PRO A 103 5.80 -5.73 -1.86
CA PRO A 103 4.36 -5.52 -1.66
C PRO A 103 4.09 -4.75 -0.39
N LEU A 104 3.13 -3.82 -0.47
CA LEU A 104 2.68 -3.02 0.66
C LEU A 104 1.18 -3.21 0.84
N ILE A 105 0.78 -3.54 2.07
CA ILE A 105 -0.63 -3.70 2.43
C ILE A 105 -0.99 -2.58 3.39
N ALA A 106 -2.11 -1.91 3.12
CA ALA A 106 -2.68 -0.93 4.05
C ALA A 106 -3.78 -1.59 4.86
N ALA A 107 -3.71 -1.47 6.19
CA ALA A 107 -4.73 -1.97 7.11
C ALA A 107 -5.46 -0.77 7.72
N VAL A 108 -6.76 -0.65 7.44
CA VAL A 108 -7.50 0.58 7.63
C VAL A 108 -8.56 0.38 8.71
N GLU A 109 -8.42 1.12 9.82
CA GLU A 109 -9.45 1.32 10.84
C GLU A 109 -9.96 2.75 10.70
N GLY A 110 -11.24 2.97 11.03
CA GLY A 110 -11.76 4.32 11.13
C GLY A 110 -11.71 5.08 9.81
N TYR A 111 -11.19 6.31 9.84
CA TYR A 111 -11.17 7.18 8.67
C TYR A 111 -9.84 7.11 7.94
N ALA A 112 -9.90 7.01 6.61
CA ALA A 112 -8.73 7.24 5.73
C ALA A 112 -9.18 8.26 4.69
N LEU A 113 -8.92 9.54 4.95
CA LEU A 113 -9.48 10.60 4.14
C LEU A 113 -8.37 11.43 3.51
N ALA A 114 -8.65 11.93 2.30
CA ALA A 114 -7.78 12.89 1.61
C ALA A 114 -6.41 12.24 1.44
N GLY A 115 -5.32 12.85 1.89
CA GLY A 115 -4.03 12.20 1.85
C GLY A 115 -4.03 10.78 2.41
N GLY A 116 -4.94 10.50 3.36
CA GLY A 116 -5.01 9.15 3.93
C GLY A 116 -5.47 8.11 2.91
N THR A 117 -6.55 8.42 2.18
CA THR A 117 -6.95 7.58 1.06
C THR A 117 -5.86 7.49 0.02
N GLU A 118 -5.06 8.56 -0.14
CA GLU A 118 -4.00 8.52 -1.14
C GLU A 118 -2.84 7.64 -0.67
N LEU A 119 -2.57 7.57 0.64
CA LEU A 119 -1.61 6.58 1.13
C LEU A 119 -2.11 5.18 0.83
N ALA A 120 -3.40 4.91 1.09
CA ALA A 120 -3.93 3.58 0.85
C ALA A 120 -3.89 3.23 -0.64
N LEU A 121 -4.11 4.21 -1.52
CA LEU A 121 -4.10 3.96 -2.95
C LEU A 121 -2.70 3.65 -3.46
N ALA A 122 -1.68 4.19 -2.79
CA ALA A 122 -0.30 3.95 -3.19
C ALA A 122 0.19 2.59 -2.72
N ALA A 123 -0.51 1.94 -1.80
CA ALA A 123 -0.27 0.54 -1.46
C ALA A 123 -0.76 -0.37 -2.58
N ASP A 124 -0.46 -1.66 -2.46
CA ASP A 124 -0.90 -2.65 -3.42
C ASP A 124 -2.24 -3.28 -3.03
N LEU A 125 -2.47 -3.45 -1.73
CA LEU A 125 -3.62 -4.17 -1.20
C LEU A 125 -4.16 -3.41 -0.01
N ILE A 126 -5.46 -3.52 0.22
CA ILE A 126 -6.09 -2.78 1.31
C ILE A 126 -6.94 -3.75 2.12
N VAL A 127 -6.69 -3.78 3.44
CA VAL A 127 -7.52 -4.50 4.39
C VAL A 127 -8.21 -3.42 5.21
N ALA A 128 -9.55 -3.51 5.32
CA ALA A 128 -10.33 -2.45 5.95
C ALA A 128 -11.38 -3.02 6.89
N ALA A 129 -11.51 -2.41 8.07
CA ALA A 129 -12.57 -2.80 9.00
C ALA A 129 -13.93 -2.47 8.40
N ARG A 130 -14.93 -3.29 8.74
CA ARG A 130 -16.27 -3.11 8.21
C ARG A 130 -16.83 -1.71 8.50
N ASP A 131 -16.34 -1.05 9.54
CA ASP A 131 -16.82 0.27 9.95
C ASP A 131 -15.86 1.37 9.57
N SER A 132 -14.92 1.13 8.67
CA SER A 132 -14.02 2.17 8.24
C SER A 132 -14.57 2.88 7.01
N ALA A 133 -13.98 4.03 6.66
CA ALA A 133 -14.43 4.83 5.54
C ALA A 133 -13.23 5.48 4.84
N PHE A 134 -13.37 5.64 3.52
CA PHE A 134 -12.44 6.35 2.66
C PHE A 134 -13.13 7.58 2.09
N GLY A 135 -12.35 8.43 1.45
CA GLY A 135 -12.92 9.63 0.84
C GLY A 135 -11.83 10.60 0.44
N ILE A 136 -12.17 11.46 -0.52
CA ILE A 136 -11.29 12.58 -0.90
C ILE A 136 -12.06 13.89 -0.86
N PRO A 137 -12.25 14.48 0.32
CA PRO A 137 -13.12 15.66 0.44
C PRO A 137 -12.47 17.00 0.08
N GLU A 138 -11.35 16.99 -0.65
CA GLU A 138 -10.61 18.23 -0.89
C GLU A 138 -11.48 19.33 -1.51
N VAL A 139 -12.36 18.97 -2.47
CA VAL A 139 -13.14 20.00 -3.15
C VAL A 139 -14.05 20.76 -2.19
N LYS A 140 -14.45 20.12 -1.09
CA LYS A 140 -15.26 20.79 -0.08
C LYS A 140 -14.55 22.00 0.51
N ARG A 141 -13.21 22.04 0.47
CA ARG A 141 -12.45 23.20 0.91
C ARG A 141 -11.96 24.07 -0.24
N GLY A 142 -12.42 23.79 -1.46
CA GLY A 142 -11.89 24.54 -2.58
C GLY A 142 -10.51 24.11 -3.02
N LEU A 143 -10.13 22.87 -2.71
CA LEU A 143 -8.84 22.32 -3.06
C LEU A 143 -9.03 21.08 -3.94
N VAL A 144 -7.93 20.48 -4.35
CA VAL A 144 -7.93 19.29 -5.20
C VAL A 144 -7.01 18.26 -4.57
N ALA A 145 -7.39 16.98 -4.67
CA ALA A 145 -6.54 15.90 -4.17
C ALA A 145 -5.36 15.66 -5.11
N GLY A 146 -4.16 16.04 -4.69
CA GLY A 146 -3.01 15.98 -5.57
C GLY A 146 -1.98 14.92 -5.21
N GLY A 147 -2.31 14.04 -4.26
CA GLY A 147 -1.41 12.98 -3.84
C GLY A 147 -1.58 11.70 -4.63
N GLY A 148 -2.20 11.76 -5.81
CA GLY A 148 -2.41 10.61 -6.64
C GLY A 148 -3.80 10.03 -6.58
N GLY A 149 -4.70 10.58 -5.77
CA GLY A 149 -6.04 10.04 -5.68
C GLY A 149 -6.81 10.14 -6.98
N LEU A 150 -6.66 11.28 -7.66
CA LEU A 150 -7.35 11.47 -8.94
C LEU A 150 -6.76 10.63 -10.06
N LEU A 151 -5.53 10.13 -9.89
CA LEU A 151 -4.90 9.31 -10.91
C LEU A 151 -5.04 7.82 -10.66
N ARG A 152 -5.31 7.40 -9.42
CA ARG A 152 -5.40 5.98 -9.11
C ARG A 152 -6.80 5.49 -8.84
N LEU A 153 -7.63 6.28 -8.15
CA LEU A 153 -9.00 5.85 -7.85
C LEU A 153 -9.77 5.42 -9.10
N PRO A 154 -9.75 6.17 -10.21
CA PRO A 154 -10.44 5.69 -11.43
C PRO A 154 -9.88 4.41 -12.00
N GLU A 155 -8.66 4.02 -11.62
CA GLU A 155 -8.11 2.73 -12.01
C GLU A 155 -8.34 1.64 -10.96
N ARG A 156 -8.91 1.99 -9.81
CA ARG A 156 -9.13 1.02 -8.74
C ARG A 156 -10.59 0.65 -8.54
N ILE A 157 -11.51 1.57 -8.78
CA ILE A 157 -12.96 1.34 -8.66
C ILE A 157 -13.61 1.83 -9.96
N PRO A 158 -14.87 1.51 -10.25
CA PRO A 158 -15.47 2.00 -11.49
C PRO A 158 -15.31 3.52 -11.63
N TYR A 159 -14.99 3.94 -12.86
CA TYR A 159 -14.69 5.34 -13.19
C TYR A 159 -15.76 6.30 -12.68
N ALA A 160 -17.05 5.98 -12.90
CA ALA A 160 -18.08 6.91 -12.49
C ALA A 160 -18.12 7.08 -10.97
N ILE A 161 -17.87 6.00 -10.22
CA ILE A 161 -17.86 6.10 -8.76
C ILE A 161 -16.68 6.95 -8.29
N ALA A 162 -15.49 6.70 -8.84
CA ALA A 162 -14.34 7.54 -8.54
C ALA A 162 -14.66 9.00 -8.83
N MET A 163 -15.32 9.26 -9.96
CA MET A 163 -15.67 10.63 -10.32
C MET A 163 -16.62 11.23 -9.30
N GLU A 164 -17.63 10.44 -8.89
CA GLU A 164 -18.60 10.92 -7.89
C GLU A 164 -17.93 11.30 -6.56
N LEU A 165 -17.09 10.41 -6.03
CA LEU A 165 -16.40 10.69 -4.78
C LEU A 165 -15.52 11.92 -4.91
N ALA A 166 -14.88 12.09 -6.07
CA ALA A 166 -14.01 13.25 -6.26
C ALA A 166 -14.81 14.56 -6.32
N LEU A 167 -15.98 14.53 -6.95
CA LEU A 167 -16.76 15.75 -7.14
C LEU A 167 -17.56 16.10 -5.90
N THR A 168 -18.03 15.11 -5.15
CA THR A 168 -18.82 15.41 -3.95
C THR A 168 -17.97 15.53 -2.70
N GLY A 169 -16.84 14.83 -2.62
CA GLY A 169 -16.15 14.72 -1.34
C GLY A 169 -16.77 13.75 -0.36
N ASP A 170 -17.78 12.98 -0.78
CA ASP A 170 -18.49 12.07 0.11
C ASP A 170 -17.57 10.97 0.62
N ASN A 171 -17.96 10.38 1.74
CA ASN A 171 -17.30 9.20 2.28
C ASN A 171 -17.69 7.96 1.49
N LEU A 172 -16.73 7.06 1.30
CA LEU A 172 -16.93 5.73 0.74
C LEU A 172 -16.83 4.70 1.87
N PRO A 173 -17.94 4.18 2.36
CA PRO A 173 -17.84 3.21 3.46
C PRO A 173 -17.20 1.91 3.00
N ALA A 174 -16.46 1.28 3.93
CA ALA A 174 -15.59 0.15 3.58
C ALA A 174 -16.36 -1.00 2.93
N GLU A 175 -17.61 -1.25 3.38
CA GLU A 175 -18.41 -2.31 2.77
C GLU A 175 -18.61 -2.06 1.28
N ARG A 176 -18.95 -0.82 0.92
CA ARG A 176 -19.09 -0.45 -0.49
C ARG A 176 -17.76 -0.55 -1.21
N ALA A 177 -16.69 -0.07 -0.57
CA ALA A 177 -15.36 -0.16 -1.17
C ALA A 177 -14.95 -1.61 -1.40
N HIS A 178 -15.38 -2.52 -0.52
CA HIS A 178 -15.15 -3.95 -0.79
C HIS A 178 -15.97 -4.41 -2.00
N GLU A 179 -17.24 -4.01 -2.08
CA GLU A 179 -18.04 -4.35 -3.25
C GLU A 179 -17.43 -3.80 -4.54
N LEU A 180 -16.83 -2.61 -4.49
CA LEU A 180 -16.28 -2.01 -5.70
C LEU A 180 -14.88 -2.52 -6.05
N GLY A 181 -14.28 -3.37 -5.22
CA GLY A 181 -12.97 -3.89 -5.51
C GLY A 181 -11.81 -3.08 -4.97
N LEU A 182 -12.09 -1.98 -4.25
CA LEU A 182 -11.01 -1.21 -3.62
C LEU A 182 -10.41 -1.94 -2.42
N VAL A 183 -11.26 -2.54 -1.59
CA VAL A 183 -10.85 -3.27 -0.39
C VAL A 183 -10.74 -4.74 -0.70
N ASN A 184 -9.59 -5.35 -0.37
CA ASN A 184 -9.38 -6.79 -0.61
C ASN A 184 -10.06 -7.65 0.45
N VAL A 185 -9.90 -7.29 1.73
CA VAL A 185 -10.43 -8.05 2.85
C VAL A 185 -11.23 -7.11 3.74
N LEU A 186 -12.47 -7.46 4.01
CA LEU A 186 -13.27 -6.81 5.04
C LEU A 186 -12.97 -7.47 6.38
N ALA A 187 -12.53 -6.68 7.35
CA ALA A 187 -12.20 -7.19 8.68
C ALA A 187 -13.24 -6.74 9.69
N GLU A 188 -13.34 -7.50 10.78
CA GLU A 188 -14.14 -7.03 11.88
C GLU A 188 -13.48 -5.79 12.50
N PRO A 189 -14.28 -4.87 13.03
CA PRO A 189 -13.72 -3.62 13.57
C PRO A 189 -12.70 -3.92 14.65
N GLY A 190 -11.54 -3.27 14.54
CA GLY A 190 -10.43 -3.46 15.44
C GLY A 190 -9.48 -4.56 15.06
N THR A 191 -9.79 -5.36 14.04
CA THR A 191 -8.98 -6.53 13.71
C THR A 191 -8.31 -6.42 12.35
N ALA A 192 -8.40 -5.26 11.69
CA ALA A 192 -7.82 -5.06 10.37
C ALA A 192 -6.35 -5.47 10.32
N LEU A 193 -5.59 -5.11 11.36
CA LEU A 193 -4.16 -5.42 11.34
C LEU A 193 -3.91 -6.93 11.32
N ASP A 194 -4.69 -7.71 12.06
CA ASP A 194 -4.49 -9.16 12.04
C ASP A 194 -4.91 -9.78 10.72
N ALA A 195 -5.92 -9.19 10.07
CA ALA A 195 -6.31 -9.70 8.75
C ALA A 195 -5.22 -9.39 7.73
N ALA A 196 -4.62 -8.20 7.83
CA ALA A 196 -3.51 -7.84 6.95
C ALA A 196 -2.30 -8.73 7.17
N ILE A 197 -2.04 -9.12 8.43
CA ILE A 197 -0.92 -10.02 8.70
C ILE A 197 -1.14 -11.37 8.03
N ALA A 198 -2.36 -11.92 8.16
CA ALA A 198 -2.68 -13.18 7.49
C ALA A 198 -2.46 -13.07 5.98
N LEU A 199 -2.89 -11.95 5.38
CA LEU A 199 -2.65 -11.76 3.95
C LEU A 199 -1.15 -11.61 3.66
N ALA A 200 -0.43 -10.88 4.53
CA ALA A 200 1.01 -10.73 4.32
C ALA A 200 1.73 -12.06 4.47
N GLU A 201 1.26 -12.91 5.39
CA GLU A 201 1.91 -14.21 5.61
C GLU A 201 1.72 -15.14 4.41
N LYS A 202 0.57 -15.05 3.73
CA LYS A 202 0.43 -15.81 2.49
C LYS A 202 1.39 -15.33 1.42
N ILE A 203 1.61 -14.01 1.33
CA ILE A 203 2.51 -13.50 0.32
C ILE A 203 3.96 -13.88 0.65
N THR A 204 4.35 -13.79 1.94
CA THR A 204 5.72 -14.14 2.30
C THR A 204 6.02 -15.63 2.12
N ALA A 205 5.01 -16.50 2.14
CA ALA A 205 5.25 -17.93 1.93
C ALA A 205 5.62 -18.26 0.47
N ASN A 206 5.35 -17.37 -0.47
CA ASN A 206 5.62 -17.61 -1.89
C ASN A 206 7.03 -17.14 -2.24
N GLY A 207 7.45 -17.47 -3.46
CA GLY A 207 8.80 -17.18 -3.90
C GLY A 207 9.07 -15.69 -3.91
N PRO A 208 10.04 -15.24 -3.09
CA PRO A 208 10.34 -13.79 -3.02
C PRO A 208 10.61 -13.14 -4.37
N LEU A 209 11.47 -13.74 -5.19
CA LEU A 209 11.73 -13.20 -6.52
C LEU A 209 10.47 -13.20 -7.39
N ALA A 210 9.68 -14.28 -7.31
CA ALA A 210 8.50 -14.36 -8.15
C ALA A 210 7.45 -13.36 -7.69
N VAL A 211 7.35 -13.15 -6.37
CA VAL A 211 6.42 -12.14 -5.85
C VAL A 211 6.84 -10.75 -6.30
N VAL A 212 8.13 -10.39 -6.14
CA VAL A 212 8.56 -9.06 -6.54
C VAL A 212 8.45 -8.88 -8.05
N ALA A 213 8.70 -9.95 -8.82
CA ALA A 213 8.57 -9.86 -10.27
C ALA A 213 7.11 -9.77 -10.72
N THR A 214 6.21 -10.44 -10.00
CA THR A 214 4.80 -10.39 -10.38
C THR A 214 4.27 -8.98 -10.20
N LYS A 215 4.54 -8.36 -9.06
CA LYS A 215 4.09 -6.99 -8.84
C LYS A 215 4.73 -6.04 -9.88
N ARG A 216 6.03 -6.21 -10.13
CA ARG A 216 6.70 -5.34 -11.10
C ARG A 216 6.06 -5.43 -12.48
N ILE A 217 5.64 -6.63 -12.90
CA ILE A 217 5.00 -6.76 -14.22
C ILE A 217 3.64 -6.08 -14.22
N ILE A 218 2.86 -6.25 -13.15
CA ILE A 218 1.53 -5.63 -13.10
C ILE A 218 1.63 -4.11 -13.06
N THR A 219 2.53 -3.56 -12.23
CA THR A 219 2.63 -2.11 -12.10
C THR A 219 3.22 -1.48 -13.35
N GLU A 220 4.29 -2.06 -13.89
CA GLU A 220 4.93 -1.48 -15.08
C GLU A 220 4.16 -1.76 -16.37
N SER A 221 3.27 -2.76 -16.38
CA SER A 221 2.48 -3.00 -17.59
C SER A 221 1.45 -1.91 -17.85
N ARG A 222 1.09 -1.12 -16.83
CA ARG A 222 0.11 -0.05 -17.06
C ARG A 222 0.69 1.03 -17.95
N GLY A 223 2.01 1.18 -17.96
CA GLY A 223 2.67 2.10 -18.86
C GLY A 223 3.30 1.44 -20.07
N TRP A 224 2.88 0.21 -20.39
CA TRP A 224 3.35 -0.49 -21.57
C TRP A 224 2.27 -0.47 -22.66
N SER A 225 2.63 -0.99 -23.82
CA SER A 225 1.77 -1.00 -24.99
C SER A 225 1.55 -2.44 -25.45
N PRO A 226 0.31 -2.79 -25.84
CA PRO A 226 0.05 -4.19 -26.24
C PRO A 226 0.98 -4.68 -27.32
N ASP A 227 1.40 -3.78 -28.22
CA ASP A 227 2.49 -4.03 -29.14
C ASP A 227 3.61 -4.82 -28.46
N THR A 228 4.14 -4.28 -27.36
CA THR A 228 5.40 -4.70 -26.78
C THR A 228 5.26 -5.31 -25.39
N MET A 229 4.05 -5.72 -25.01
CA MET A 229 3.78 -6.13 -23.63
C MET A 229 4.46 -7.47 -23.29
N PHE A 230 4.38 -8.45 -24.19
CA PHE A 230 5.03 -9.73 -23.92
C PHE A 230 6.54 -9.62 -23.95
N ALA A 231 7.09 -8.84 -24.89
CA ALA A 231 8.54 -8.61 -24.94
C ALA A 231 9.05 -8.01 -23.64
N GLU A 232 8.39 -6.93 -23.17
CA GLU A 232 8.77 -6.30 -21.91
C GLU A 232 8.65 -7.28 -20.75
N GLN A 233 7.56 -8.04 -20.71
CA GLN A 233 7.35 -8.98 -19.62
C GLN A 233 8.43 -10.07 -19.62
N MET A 234 8.84 -10.53 -20.80
CA MET A 234 9.82 -11.61 -20.88
C MET A 234 11.14 -11.24 -20.21
N LYS A 235 11.57 -9.98 -20.34
CA LYS A 235 12.81 -9.57 -19.70
C LYS A 235 12.76 -9.72 -18.17
N ILE A 236 11.58 -9.51 -17.57
CA ILE A 236 11.45 -9.70 -16.13
C ILE A 236 11.35 -11.18 -15.77
N LEU A 237 10.79 -12.01 -16.67
CA LEU A 237 10.54 -13.42 -16.42
C LEU A 237 11.80 -14.26 -16.40
N VAL A 238 12.77 -13.90 -17.26
CA VAL A 238 13.95 -14.76 -17.47
C VAL A 238 14.76 -14.93 -16.21
N PRO A 239 15.06 -13.89 -15.39
CA PRO A 239 15.81 -14.13 -14.15
C PRO A 239 15.07 -14.97 -13.13
N VAL A 240 13.75 -14.81 -13.03
CA VAL A 240 13.00 -15.64 -12.09
C VAL A 240 13.04 -17.12 -12.52
N PHE A 241 12.91 -17.38 -13.83
CA PHE A 241 12.85 -18.76 -14.30
C PHE A 241 14.20 -19.46 -14.23
N THR A 242 15.29 -18.72 -14.26
CA THR A 242 16.63 -19.28 -14.10
C THR A 242 17.10 -19.24 -12.65
N SER A 243 16.24 -18.84 -11.72
CA SER A 243 16.65 -18.63 -10.34
C SER A 243 16.78 -19.96 -9.60
N ASN A 244 17.63 -19.95 -8.56
CA ASN A 244 17.71 -21.09 -7.65
C ASN A 244 16.36 -21.41 -7.01
N ASP A 245 15.57 -20.36 -6.70
CA ASP A 245 14.29 -20.58 -6.03
C ASP A 245 13.33 -21.36 -6.92
N ALA A 246 13.36 -21.10 -8.24
CA ALA A 246 12.55 -21.84 -9.20
C ALA A 246 12.82 -23.34 -9.12
N LYS A 247 14.10 -23.73 -9.06
CA LYS A 247 14.40 -25.14 -8.92
C LYS A 247 13.95 -25.67 -7.57
N GLU A 248 14.13 -24.87 -6.50
CA GLU A 248 13.68 -25.30 -5.18
C GLU A 248 12.16 -25.44 -5.15
N GLY A 249 11.46 -24.54 -5.83
CA GLY A 249 10.00 -24.64 -5.90
C GLY A 249 9.56 -25.96 -6.50
N ALA A 250 10.20 -26.37 -7.59
CA ALA A 250 9.80 -27.61 -8.25
C ALA A 250 10.12 -28.82 -7.38
N ILE A 251 11.30 -28.83 -6.74
CA ILE A 251 11.67 -29.97 -5.91
C ILE A 251 10.72 -30.11 -4.73
N ALA A 252 10.38 -28.97 -4.10
CA ALA A 252 9.56 -29.02 -2.89
C ALA A 252 8.14 -29.48 -3.21
N PHE A 253 7.57 -29.01 -4.33
CA PHE A 253 6.25 -29.47 -4.70
C PHE A 253 6.26 -30.96 -5.01
N ALA A 254 7.26 -31.42 -5.76
CA ALA A 254 7.42 -32.85 -6.03
C ALA A 254 7.48 -33.67 -4.73
N GLU A 255 8.26 -33.21 -3.75
CA GLU A 255 8.38 -33.94 -2.49
C GLU A 255 7.27 -33.58 -1.49
N ARG A 256 6.28 -32.79 -1.91
CA ARG A 256 5.09 -32.50 -1.09
C ARG A 256 5.46 -31.88 0.25
N ARG A 257 6.35 -30.90 0.20
CA ARG A 257 6.88 -30.24 1.40
C ARG A 257 7.04 -28.75 1.10
N ARG A 258 7.30 -28.00 2.13
CA ARG A 258 7.38 -26.55 2.01
C ARG A 258 8.72 -26.14 1.40
N PRO A 259 8.74 -25.22 0.45
CA PRO A 259 10.00 -24.79 -0.16
C PRO A 259 10.72 -23.80 0.73
N ARG A 260 12.05 -23.90 0.68
CA ARG A 260 12.91 -23.05 1.50
C ARG A 260 13.58 -22.05 0.58
N TRP A 261 12.98 -20.86 0.51
CA TRP A 261 13.44 -19.83 -0.42
C TRP A 261 14.74 -19.22 0.07
N THR A 262 15.60 -18.87 -0.87
CA THR A 262 16.79 -18.10 -0.56
C THR A 262 16.75 -16.69 -1.16
N GLY A 263 15.82 -16.40 -2.07
CA GLY A 263 15.83 -15.14 -2.79
C GLY A 263 16.90 -15.04 -3.86
N THR A 264 17.41 -16.18 -4.32
CA THR A 264 18.34 -16.25 -5.44
C THR A 264 17.89 -17.34 -6.41
#